data_6OLO
# 
_entry.id   6OLO 
# 
_audit_conform.dict_name       mmcif_pdbx.dic 
_audit_conform.dict_version    5.399 
_audit_conform.dict_location   http://mmcif.pdb.org/dictionaries/ascii/mmcif_pdbx.dic 
# 
loop_
_database_2.database_id 
_database_2.database_code 
_database_2.pdbx_database_accession 
_database_2.pdbx_DOI 
PDB   6OLO         pdb_00006olo 10.2210/pdb6olo/pdb 
WWPDB D_1000240665 ?            ?                   
# 
loop_
_pdbx_audit_revision_history.ordinal 
_pdbx_audit_revision_history.data_content_type 
_pdbx_audit_revision_history.major_revision 
_pdbx_audit_revision_history.minor_revision 
_pdbx_audit_revision_history.revision_date 
1 'Structure model' 1 0 2020-03-25 
2 'Structure model' 1 1 2023-10-11 
3 'Structure model' 1 2 2023-11-15 
4 'Structure model' 1 3 2024-11-20 
# 
_pdbx_audit_revision_details.ordinal             1 
_pdbx_audit_revision_details.revision_ordinal    1 
_pdbx_audit_revision_details.data_content_type   'Structure model' 
_pdbx_audit_revision_details.provider            repository 
_pdbx_audit_revision_details.type                'Initial release' 
_pdbx_audit_revision_details.description         ? 
_pdbx_audit_revision_details.details             ? 
# 
loop_
_pdbx_audit_revision_group.ordinal 
_pdbx_audit_revision_group.revision_ordinal 
_pdbx_audit_revision_group.data_content_type 
_pdbx_audit_revision_group.group 
1 2 'Structure model' 'Data collection'        
2 2 'Structure model' 'Database references'    
3 2 'Structure model' 'Refinement description' 
4 3 'Structure model' 'Data collection'        
5 3 'Structure model' 'Derived calculations'   
6 4 'Structure model' 'Structure summary'      
# 
loop_
_pdbx_audit_revision_category.ordinal 
_pdbx_audit_revision_category.revision_ordinal 
_pdbx_audit_revision_category.data_content_type 
_pdbx_audit_revision_category.category 
1 2 'Structure model' chem_comp_atom                
2 2 'Structure model' chem_comp_bond                
3 2 'Structure model' database_2                    
4 2 'Structure model' pdbx_initial_refinement_model 
5 3 'Structure model' chem_comp_atom                
6 3 'Structure model' chem_comp_bond                
7 3 'Structure model' struct_conn                   
8 4 'Structure model' pdbx_entry_details            
9 4 'Structure model' pdbx_modification_feature     
# 
loop_
_pdbx_audit_revision_item.ordinal 
_pdbx_audit_revision_item.revision_ordinal 
_pdbx_audit_revision_item.data_content_type 
_pdbx_audit_revision_item.item 
1 2 'Structure model' '_database_2.pdbx_DOI'                
2 2 'Structure model' '_database_2.pdbx_database_accession' 
3 3 'Structure model' '_chem_comp_atom.atom_id'             
4 3 'Structure model' '_chem_comp_bond.atom_id_2'           
5 3 'Structure model' '_struct_conn.pdbx_leaving_atom_flag' 
# 
_pdbx_database_status.status_code                     REL 
_pdbx_database_status.status_code_sf                  REL 
_pdbx_database_status.status_code_mr                  ? 
_pdbx_database_status.entry_id                        6OLO 
_pdbx_database_status.recvd_initial_deposition_date   2019-04-16 
_pdbx_database_status.SG_entry                        N 
_pdbx_database_status.deposit_site                    RCSB 
_pdbx_database_status.process_site                    RCSB 
_pdbx_database_status.status_code_cs                  ? 
_pdbx_database_status.methods_development_category    ? 
_pdbx_database_status.pdb_format_compatible           Y 
_pdbx_database_status.status_code_nmr_data            ? 
# 
loop_
_audit_author.name 
_audit_author.pdbx_ordinal 
_audit_author.identifier_ORCID 
'Schieb, K.A.' 1 ? 
'Horne, W.S.'  2 ? 
# 
_citation.abstract                  ? 
_citation.abstract_id_CAS           ? 
_citation.book_id_ISBN              ? 
_citation.book_publisher            ? 
_citation.book_publisher_city       ? 
_citation.book_title                ? 
_citation.coordinate_linkage        ? 
_citation.country                   UK 
_citation.database_id_Medline       ? 
_citation.details                   ? 
_citation.id                        primary 
_citation.journal_abbrev            'Chem.Commun.(Camb.)' 
_citation.journal_id_ASTM           ? 
_citation.journal_id_CSD            ? 
_citation.journal_id_ISSN           1364-548X 
_citation.journal_full              ? 
_citation.journal_issue             ? 
_citation.journal_volume            55 
_citation.language                  ? 
_citation.page_first                7752 
_citation.page_last                 7755 
_citation.title                     
'Understanding and controlling the metal-directed assembly of terpyridine-functionalized coiled-coil peptides.' 
_citation.year                      2019 
_citation.database_id_CSD           ? 
_citation.pdbx_database_id_DOI      10.1039/c9cc03496j 
_citation.pdbx_database_id_PubMed   31204733 
_citation.unpublished_flag          ? 
# 
loop_
_citation_author.citation_id 
_citation_author.name 
_citation_author.ordinal 
_citation_author.identifier_ORCID 
primary 'Scheib, K.A.'  1 ? 
primary 'Tavenor, N.A.' 2 ? 
primary 'Lawless, M.J.' 3 ? 
primary 'Saxena, S.'    4 ? 
primary 'Horne, W.S.'   5 ? 
# 
loop_
_entity.id 
_entity.type 
_entity.src_method 
_entity.pdbx_description 
_entity.formula_weight 
_entity.pdbx_number_of_molecules 
_entity.pdbx_ec 
_entity.pdbx_mutation 
_entity.pdbx_fragment 
_entity.details 
1 polymer     syn 'Designed trimeric coiled coil peptide' 3175.832 1 ? ? ? ? 
2 non-polymer syn 'COPPER (II) ION'                       63.546   1 ? ? ? ? 
3 water       nat water                                   18.015   6 ? ? ? ? 
# 
_entity_poly.entity_id                      1 
_entity_poly.type                           'polypeptide(L)' 
_entity_poly.nstd_linkage                   no 
_entity_poly.nstd_monomer                   yes 
_entity_poly.pdbx_seq_one_letter_code       '(ACE)QIAAIK(7WJ)AIAAIKQQIAAIKEAIAAIKQ(NH2)' 
_entity_poly.pdbx_seq_one_letter_code_can   XQIAAIKXAIAAIKQQIAAIKEAIAAIKQX 
_entity_poly.pdbx_strand_id                 A 
_entity_poly.pdbx_target_identifier         ? 
# 
loop_
_pdbx_entity_nonpoly.entity_id 
_pdbx_entity_nonpoly.name 
_pdbx_entity_nonpoly.comp_id 
2 'COPPER (II) ION' CU  
3 water             HOH 
# 
loop_
_entity_poly_seq.entity_id 
_entity_poly_seq.num 
_entity_poly_seq.mon_id 
_entity_poly_seq.hetero 
1 1  ACE n 
1 2  GLN n 
1 3  ILE n 
1 4  ALA n 
1 5  ALA n 
1 6  ILE n 
1 7  LYS n 
1 8  7WJ n 
1 9  ALA n 
1 10 ILE n 
1 11 ALA n 
1 12 ALA n 
1 13 ILE n 
1 14 LYS n 
1 15 GLN n 
1 16 GLN n 
1 17 ILE n 
1 18 ALA n 
1 19 ALA n 
1 20 ILE n 
1 21 LYS n 
1 22 GLU n 
1 23 ALA n 
1 24 ILE n 
1 25 ALA n 
1 26 ALA n 
1 27 ILE n 
1 28 LYS n 
1 29 GLN n 
1 30 NH2 n 
# 
_pdbx_entity_src_syn.entity_id              1 
_pdbx_entity_src_syn.pdbx_src_id            1 
_pdbx_entity_src_syn.pdbx_alt_source_flag   sample 
_pdbx_entity_src_syn.pdbx_beg_seq_num       1 
_pdbx_entity_src_syn.pdbx_end_seq_num       30 
_pdbx_entity_src_syn.organism_scientific    'synthetic construct' 
_pdbx_entity_src_syn.organism_common_name   ? 
_pdbx_entity_src_syn.ncbi_taxonomy_id       32630 
_pdbx_entity_src_syn.details                ? 
# 
loop_
_chem_comp.id 
_chem_comp.type 
_chem_comp.mon_nstd_flag 
_chem_comp.name 
_chem_comp.pdbx_synonyms 
_chem_comp.formula 
_chem_comp.formula_weight 
7WJ non-polymer         . '(2S)-2-amino-4-[([1~2~,2~2~:2~6~,3~2~-terpyridine]-2~4~-carbonyl)amino]butanoic acid' ? 'C20 H19 N5 O3' 
377.397 
ACE non-polymer         . 'ACETYL GROUP'                                                                         ? 'C2 H4 O' 
44.053  
ALA 'L-peptide linking' y ALANINE                                                                                ? 'C3 H7 N O2' 
89.093  
CU  non-polymer         . 'COPPER (II) ION'                                                                      ? 'Cu 2' 63.546  
GLN 'L-peptide linking' y GLUTAMINE                                                                              ? 'C5 H10 N2 O3' 
146.144 
GLU 'L-peptide linking' y 'GLUTAMIC ACID'                                                                        ? 'C5 H9 N O4' 
147.129 
HOH non-polymer         . WATER                                                                                  ? 'H2 O' 18.015  
ILE 'L-peptide linking' y ISOLEUCINE                                                                             ? 'C6 H13 N O2' 
131.173 
LYS 'L-peptide linking' y LYSINE                                                                                 ? 
'C6 H15 N2 O2 1' 147.195 
NH2 non-polymer         . 'AMINO GROUP'                                                                          ? 'H2 N' 16.023  
# 
loop_
_pdbx_poly_seq_scheme.asym_id 
_pdbx_poly_seq_scheme.entity_id 
_pdbx_poly_seq_scheme.seq_id 
_pdbx_poly_seq_scheme.mon_id 
_pdbx_poly_seq_scheme.ndb_seq_num 
_pdbx_poly_seq_scheme.pdb_seq_num 
_pdbx_poly_seq_scheme.auth_seq_num 
_pdbx_poly_seq_scheme.pdb_mon_id 
_pdbx_poly_seq_scheme.auth_mon_id 
_pdbx_poly_seq_scheme.pdb_strand_id 
_pdbx_poly_seq_scheme.pdb_ins_code 
_pdbx_poly_seq_scheme.hetero 
A 1 1  ACE 1  0  0  ACE ACE A . n 
A 1 2  GLN 2  1  1  GLN GLN A . n 
A 1 3  ILE 3  2  2  ILE ILE A . n 
A 1 4  ALA 4  3  3  ALA ALA A . n 
A 1 5  ALA 5  4  4  ALA ALA A . n 
A 1 6  ILE 6  5  5  ILE ILE A . n 
A 1 7  LYS 7  6  6  LYS LYS A . n 
A 1 8  7WJ 8  7  7  7WJ TPY A . n 
A 1 9  ALA 9  8  8  ALA ALA A . n 
A 1 10 ILE 10 9  9  ILE ILE A . n 
A 1 11 ALA 11 10 10 ALA ALA A . n 
A 1 12 ALA 12 11 11 ALA ALA A . n 
A 1 13 ILE 13 12 12 ILE ILE A . n 
A 1 14 LYS 14 13 13 LYS LYS A . n 
A 1 15 GLN 15 14 14 GLN GLN A . n 
A 1 16 GLN 16 15 15 GLN GLN A . n 
A 1 17 ILE 17 16 16 ILE ILE A . n 
A 1 18 ALA 18 17 17 ALA ALA A . n 
A 1 19 ALA 19 18 18 ALA ALA A . n 
A 1 20 ILE 20 19 19 ILE ILE A . n 
A 1 21 LYS 21 20 20 LYS LYS A . n 
A 1 22 GLU 22 21 21 GLU GLU A . n 
A 1 23 ALA 23 22 22 ALA ALA A . n 
A 1 24 ILE 24 23 23 ILE ILE A . n 
A 1 25 ALA 25 24 24 ALA ALA A . n 
A 1 26 ALA 26 25 25 ALA ALA A . n 
A 1 27 ILE 27 26 26 ILE ILE A . n 
A 1 28 LYS 28 27 27 LYS LYS A . n 
A 1 29 GLN 29 28 ?  ?   ?   A . n 
A 1 30 NH2 30 29 ?  ?   ?   A . n 
# 
loop_
_pdbx_nonpoly_scheme.asym_id 
_pdbx_nonpoly_scheme.entity_id 
_pdbx_nonpoly_scheme.mon_id 
_pdbx_nonpoly_scheme.ndb_seq_num 
_pdbx_nonpoly_scheme.pdb_seq_num 
_pdbx_nonpoly_scheme.auth_seq_num 
_pdbx_nonpoly_scheme.pdb_mon_id 
_pdbx_nonpoly_scheme.auth_mon_id 
_pdbx_nonpoly_scheme.pdb_strand_id 
_pdbx_nonpoly_scheme.pdb_ins_code 
B 2 CU  1 100 100 CU  CU  A . 
C 3 HOH 1 201 5   HOH HOH A . 
C 3 HOH 2 202 4   HOH HOH A . 
C 3 HOH 3 203 2   HOH HOH A . 
C 3 HOH 4 204 3   HOH HOH A . 
C 3 HOH 5 205 1   HOH HOH A . 
C 3 HOH 6 206 6   HOH HOH A . 
# 
loop_
_pdbx_unobs_or_zero_occ_atoms.id 
_pdbx_unobs_or_zero_occ_atoms.PDB_model_num 
_pdbx_unobs_or_zero_occ_atoms.polymer_flag 
_pdbx_unobs_or_zero_occ_atoms.occupancy_flag 
_pdbx_unobs_or_zero_occ_atoms.auth_asym_id 
_pdbx_unobs_or_zero_occ_atoms.auth_comp_id 
_pdbx_unobs_or_zero_occ_atoms.auth_seq_id 
_pdbx_unobs_or_zero_occ_atoms.PDB_ins_code 
_pdbx_unobs_or_zero_occ_atoms.auth_atom_id 
_pdbx_unobs_or_zero_occ_atoms.label_alt_id 
_pdbx_unobs_or_zero_occ_atoms.label_asym_id 
_pdbx_unobs_or_zero_occ_atoms.label_comp_id 
_pdbx_unobs_or_zero_occ_atoms.label_seq_id 
_pdbx_unobs_or_zero_occ_atoms.label_atom_id 
1 1 Y 1 A LYS 27 ? CG ? A LYS 28 CG 
2 1 Y 1 A LYS 27 ? CD ? A LYS 28 CD 
3 1 Y 1 A LYS 27 ? CE ? A LYS 28 CE 
4 1 Y 1 A LYS 27 ? NZ ? A LYS 28 NZ 
# 
loop_
_software.citation_id 
_software.classification 
_software.compiler_name 
_software.compiler_version 
_software.contact_author 
_software.contact_author_email 
_software.date 
_software.description 
_software.dependencies 
_software.hardware 
_software.language 
_software.location 
_software.mods 
_software.name 
_software.os 
_software.os_version 
_software.type 
_software.version 
_software.pdbx_ordinal 
? refinement       ? ? ? ? ? ? ? ? ? ? ? PHENIX ? ? ? '(1.14_3260: ???)' 1 
? 'data reduction' ? ? ? ? ? ? ? ? ? ? ? d*TREK ? ? ? .                  2 
? 'data scaling'   ? ? ? ? ? ? ? ? ? ? ? d*TREK ? ? ? .                  3 
? phasing          ? ? ? ? ? ? ? ? ? ? ? PHASER ? ? ? .                  4 
# 
_cell.entry_id           6OLO 
_cell.length_a           39.739 
_cell.length_b           39.739 
_cell.length_c           41.945 
_cell.angle_alpha        90.00 
_cell.angle_beta         90.00 
_cell.angle_gamma        120.00 
_cell.Z_PDB              9 
_cell.pdbx_unique_axis   ? 
# 
_symmetry.entry_id                         6OLO 
_symmetry.space_group_name_H-M             'H 3' 
_symmetry.pdbx_full_space_group_name_H-M   ? 
_symmetry.cell_setting                     ? 
_symmetry.Int_Tables_number                146 
# 
_exptl.absorpt_coefficient_mu     ? 
_exptl.absorpt_correction_T_max   ? 
_exptl.absorpt_correction_T_min   ? 
_exptl.absorpt_correction_type    ? 
_exptl.absorpt_process_details    ? 
_exptl.entry_id                   6OLO 
_exptl.crystals_number            1 
_exptl.details                    ? 
_exptl.method                     'X-RAY DIFFRACTION' 
_exptl.method_details             ? 
# 
_exptl_crystal.colour                      ? 
_exptl_crystal.density_diffrn              ? 
_exptl_crystal.density_Matthews            2.03 
_exptl_crystal.density_method              ? 
_exptl_crystal.density_percent_sol         39.35 
_exptl_crystal.description                 ? 
_exptl_crystal.F_000                       ? 
_exptl_crystal.id                          1 
_exptl_crystal.preparation                 ? 
_exptl_crystal.size_max                    ? 
_exptl_crystal.size_mid                    ? 
_exptl_crystal.size_min                    ? 
_exptl_crystal.size_rad                    ? 
_exptl_crystal.colour_lustre               ? 
_exptl_crystal.colour_modifier             ? 
_exptl_crystal.colour_primary              ? 
_exptl_crystal.density_meas                ? 
_exptl_crystal.density_meas_esd            ? 
_exptl_crystal.density_meas_gt             ? 
_exptl_crystal.density_meas_lt             ? 
_exptl_crystal.density_meas_temp           ? 
_exptl_crystal.density_meas_temp_esd       ? 
_exptl_crystal.density_meas_temp_gt        ? 
_exptl_crystal.density_meas_temp_lt        ? 
_exptl_crystal.pdbx_crystal_image_url      ? 
_exptl_crystal.pdbx_crystal_image_format   ? 
_exptl_crystal.pdbx_mosaicity              ? 
_exptl_crystal.pdbx_mosaicity_esd          ? 
# 
_exptl_crystal_grow.apparatus       ? 
_exptl_crystal_grow.atmosphere      ? 
_exptl_crystal_grow.crystal_id      1 
_exptl_crystal_grow.details         ? 
_exptl_crystal_grow.method          'VAPOR DIFFUSION, HANGING DROP' 
_exptl_crystal_grow.method_ref      ? 
_exptl_crystal_grow.pH              8.5 
_exptl_crystal_grow.pressure        ? 
_exptl_crystal_grow.pressure_esd    ? 
_exptl_crystal_grow.seeding         ? 
_exptl_crystal_grow.seeding_ref     ? 
_exptl_crystal_grow.temp            298 
_exptl_crystal_grow.temp_details    ? 
_exptl_crystal_grow.temp_esd        ? 
_exptl_crystal_grow.time            ? 
_exptl_crystal_grow.pdbx_details    '0.1 M Tris pH 8.5, 25% w/v PEG 3350, 5 mM copper(II) chloride' 
_exptl_crystal_grow.pdbx_pH_range   ? 
# 
_diffrn.ambient_environment              ? 
_diffrn.ambient_temp                     100 
_diffrn.ambient_temp_details             ? 
_diffrn.ambient_temp_esd                 ? 
_diffrn.crystal_id                       1 
_diffrn.crystal_support                  ? 
_diffrn.crystal_treatment                ? 
_diffrn.details                          ? 
_diffrn.id                               1 
_diffrn.ambient_pressure                 ? 
_diffrn.ambient_pressure_esd             ? 
_diffrn.ambient_pressure_gt              ? 
_diffrn.ambient_pressure_lt              ? 
_diffrn.ambient_temp_gt                  ? 
_diffrn.ambient_temp_lt                  ? 
_diffrn.pdbx_serial_crystal_experiment   N 
# 
_diffrn_detector.details                      ? 
_diffrn_detector.detector                     CCD 
_diffrn_detector.diffrn_id                    1 
_diffrn_detector.type                         'RIGAKU SATURN 944' 
_diffrn_detector.area_resol_mean              ? 
_diffrn_detector.dtime                        ? 
_diffrn_detector.pdbx_frames_total            ? 
_diffrn_detector.pdbx_collection_time_total   ? 
_diffrn_detector.pdbx_collection_date         2019-01-14 
_diffrn_detector.pdbx_frequency               ? 
# 
_diffrn_radiation.collimation                      ? 
_diffrn_radiation.diffrn_id                        1 
_diffrn_radiation.filter_edge                      ? 
_diffrn_radiation.inhomogeneity                    ? 
_diffrn_radiation.monochromator                    ? 
_diffrn_radiation.polarisn_norm                    ? 
_diffrn_radiation.polarisn_ratio                   ? 
_diffrn_radiation.probe                            ? 
_diffrn_radiation.type                             ? 
_diffrn_radiation.xray_symbol                      ? 
_diffrn_radiation.wavelength_id                    1 
_diffrn_radiation.pdbx_monochromatic_or_laue_m_l   M 
_diffrn_radiation.pdbx_wavelength_list             ? 
_diffrn_radiation.pdbx_wavelength                  ? 
_diffrn_radiation.pdbx_diffrn_protocol             'SINGLE WAVELENGTH' 
_diffrn_radiation.pdbx_analyzer                    ? 
_diffrn_radiation.pdbx_scattering_type             x-ray 
# 
_diffrn_radiation_wavelength.id           1 
_diffrn_radiation_wavelength.wavelength   1.5418 
_diffrn_radiation_wavelength.wt           1.0 
# 
_diffrn_source.current                     ? 
_diffrn_source.details                     ? 
_diffrn_source.diffrn_id                   1 
_diffrn_source.power                       ? 
_diffrn_source.size                        ? 
_diffrn_source.source                      'ROTATING ANODE' 
_diffrn_source.target                      ? 
_diffrn_source.type                        'RIGAKU FR-E SUPERBRIGHT' 
_diffrn_source.voltage                     ? 
_diffrn_source.take-off_angle              ? 
_diffrn_source.pdbx_wavelength_list        1.5418 
_diffrn_source.pdbx_wavelength             ? 
_diffrn_source.pdbx_synchrotron_beamline   ? 
_diffrn_source.pdbx_synchrotron_site       ? 
# 
_reflns.pdbx_diffrn_id               1 
_reflns.pdbx_ordinal                 1 
_reflns.entry_id                     6OLO 
_reflns.observed_criterion_sigma_I   ? 
_reflns.observed_criterion_sigma_F   ? 
_reflns.d_resolution_low             26.610 
_reflns.d_resolution_high            2.300 
_reflns.number_obs                   1094 
_reflns.number_all                   ? 
_reflns.percent_possible_obs         100.0 
_reflns.pdbx_Rmerge_I_obs            0.07000 
_reflns.pdbx_Rsym_value              ? 
_reflns.pdbx_netI_over_sigmaI        16.3000 
_reflns.B_iso_Wilson_estimate        ? 
_reflns.pdbx_redundancy              5.250 
_reflns.pdbx_CC_half                 ? 
_reflns.pdbx_Rpim_I_all              ? 
_reflns.pdbx_Rrim_I_all              ? 
# 
_reflns_shell.pdbx_diffrn_id         1 
_reflns_shell.pdbx_ordinal           1 
_reflns_shell.d_res_high             2.30 
_reflns_shell.d_res_low              2.38 
_reflns_shell.percent_possible_all   100.0 
_reflns_shell.Rmerge_I_obs           0.36900 
_reflns_shell.pdbx_Rsym_value        ? 
_reflns_shell.meanI_over_sigI_obs    2.400 
_reflns_shell.pdbx_redundancy        3.76 
_reflns_shell.number_measured_obs    ? 
_reflns_shell.number_unique_all      ? 
_reflns_shell.number_unique_obs      ? 
_reflns_shell.pdbx_CC_half           ? 
_reflns_shell.pdbx_Rpim_I_all        ? 
_reflns_shell.pdbx_Rrim_I_all        ? 
# 
_refine.pdbx_refine_id                           'X-RAY DIFFRACTION' 
_refine.entry_id                                 6OLO 
_refine.pdbx_diffrn_id                           1 
_refine.pdbx_TLS_residual_ADP_flag               ? 
_refine.ls_number_reflns_obs                     1092 
_refine.ls_number_reflns_all                     ? 
_refine.pdbx_ls_sigma_I                          ? 
_refine.pdbx_ls_sigma_F                          2.190 
_refine.pdbx_data_cutoff_high_absF               ? 
_refine.pdbx_data_cutoff_low_absF                ? 
_refine.pdbx_data_cutoff_high_rms_absF           ? 
_refine.ls_d_res_low                             19.87 
_refine.ls_d_res_high                            2.30 
_refine.ls_percent_reflns_obs                    99.9 
_refine.ls_R_factor_obs                          0.259 
_refine.ls_R_factor_all                          ? 
_refine.ls_R_factor_R_work                       0.257 
_refine.ls_R_factor_R_free                       0.273 
_refine.ls_R_factor_R_free_error                 ? 
_refine.ls_R_factor_R_free_error_details         ? 
_refine.ls_percent_reflns_R_free                 10.070 
_refine.ls_number_reflns_R_free                  110 
_refine.ls_number_parameters                     ? 
_refine.ls_number_restraints                     ? 
_refine.occupancy_min                            ? 
_refine.occupancy_max                            ? 
_refine.correlation_coeff_Fo_to_Fc               ? 
_refine.correlation_coeff_Fo_to_Fc_free          ? 
_refine.B_iso_mean                               ? 
_refine.aniso_B[1][1]                            ? 
_refine.aniso_B[2][2]                            ? 
_refine.aniso_B[3][3]                            ? 
_refine.aniso_B[1][2]                            ? 
_refine.aniso_B[1][3]                            ? 
_refine.aniso_B[2][3]                            ? 
_refine.solvent_model_details                    ? 
_refine.solvent_model_param_ksol                 ? 
_refine.solvent_model_param_bsol                 ? 
_refine.pdbx_solvent_vdw_probe_radii             1.11 
_refine.pdbx_solvent_ion_probe_radii             ? 
_refine.pdbx_solvent_shrinkage_radii             0.90 
_refine.pdbx_ls_cross_valid_method               'FREE R-VALUE' 
_refine.details                                  ? 
_refine.pdbx_starting_model                      '4DZL, CHAIN A' 
_refine.pdbx_method_to_determine_struct          'MOLECULAR REPLACEMENT' 
_refine.pdbx_isotropic_thermal_model             ? 
_refine.pdbx_stereochemistry_target_values       ? 
_refine.pdbx_stereochem_target_val_spec_case     ? 
_refine.pdbx_R_Free_selection_details            ? 
_refine.pdbx_overall_ESU_R                       ? 
_refine.pdbx_overall_ESU_R_Free                  ? 
_refine.overall_SU_ML                            0.260 
_refine.pdbx_overall_phase_error                 28.950 
_refine.overall_SU_B                             ? 
_refine.overall_SU_R_Cruickshank_DPI             ? 
_refine.pdbx_overall_SU_R_free_Cruickshank_DPI   ? 
_refine.pdbx_overall_SU_R_Blow_DPI               ? 
_refine.pdbx_overall_SU_R_free_Blow_DPI          ? 
# 
_refine_hist.pdbx_refine_id                   'X-RAY DIFFRACTION' 
_refine_hist.cycle_id                         LAST 
_refine_hist.pdbx_number_atoms_protein        212 
_refine_hist.pdbx_number_atoms_nucleic_acid   0 
_refine_hist.pdbx_number_atoms_ligand         1 
_refine_hist.number_atoms_solvent             6 
_refine_hist.number_atoms_total               219 
_refine_hist.d_res_high                       2.30 
_refine_hist.d_res_low                        19.87 
# 
loop_
_refine_ls_restr.type 
_refine_ls_restr.dev_ideal 
_refine_ls_restr.dev_ideal_target 
_refine_ls_restr.weight 
_refine_ls_restr.number 
_refine_ls_restr.pdbx_refine_id 
_refine_ls_restr.pdbx_restraint_function 
f_bond_d           0.004  ? ? 217 'X-RAY DIFFRACTION' ? 
f_angle_d          0.968  ? ? 294 'X-RAY DIFFRACTION' ? 
f_dihedral_angle_d 20.304 ? ? 127 'X-RAY DIFFRACTION' ? 
f_chiral_restr     0.034  ? ? 35  'X-RAY DIFFRACTION' ? 
f_plane_restr      0.002  ? ? 33  'X-RAY DIFFRACTION' ? 
# 
_refine_ls_shell.pdbx_refine_id                   'X-RAY DIFFRACTION' 
_refine_ls_shell.pdbx_total_number_of_bins_used   ? 
_refine_ls_shell.d_res_high                       2.3011 
_refine_ls_shell.d_res_low                        2.38 
_refine_ls_shell.number_reflns_R_work             982 
_refine_ls_shell.R_factor_R_work                  0.2565 
_refine_ls_shell.percent_reflns_obs               100.00 
_refine_ls_shell.R_factor_R_free                  0.2733 
_refine_ls_shell.R_factor_R_free_error            ? 
_refine_ls_shell.percent_reflns_R_free            ? 
_refine_ls_shell.number_reflns_R_free             110 
_refine_ls_shell.number_reflns_all                ? 
_refine_ls_shell.R_factor_all                     ? 
_refine_ls_shell.R_factor_obs                     ? 
_refine_ls_shell.number_reflns_obs                ? 
# 
_struct.entry_id                     6OLO 
_struct.title                        
'Controlling the Self-Assembly of Synthetic Metal-Coordinating Coiled-Coil Peptides: Hexagonal Lattice from a Trimeric Coiled Coil' 
_struct.pdbx_model_details           ? 
_struct.pdbx_formula_weight          ? 
_struct.pdbx_formula_weight_method   ? 
_struct.pdbx_model_type_details      ? 
_struct.pdbx_CASP_flag               N 
# 
_struct_keywords.entry_id        6OLO 
_struct_keywords.text            'de novo protein, metal coordination framework, supramolecular assembly' 
_struct_keywords.pdbx_keywords   'DE NOVO PROTEIN' 
# 
loop_
_struct_asym.id 
_struct_asym.pdbx_blank_PDB_chainid_flag 
_struct_asym.pdbx_modified 
_struct_asym.entity_id 
_struct_asym.details 
A N N 1 ? 
B N N 2 ? 
C N N 3 ? 
# 
_struct_ref.id                         1 
_struct_ref.db_name                    PDB 
_struct_ref.db_code                    6OLO 
_struct_ref.pdbx_db_accession          6OLO 
_struct_ref.pdbx_db_isoform            ? 
_struct_ref.entity_id                  1 
_struct_ref.pdbx_seq_one_letter_code   ? 
_struct_ref.pdbx_align_begin           1 
# 
_struct_ref_seq.align_id                      1 
_struct_ref_seq.ref_id                        1 
_struct_ref_seq.pdbx_PDB_id_code              6OLO 
_struct_ref_seq.pdbx_strand_id                A 
_struct_ref_seq.seq_align_beg                 1 
_struct_ref_seq.pdbx_seq_align_beg_ins_code   ? 
_struct_ref_seq.seq_align_end                 30 
_struct_ref_seq.pdbx_seq_align_end_ins_code   ? 
_struct_ref_seq.pdbx_db_accession             6OLO 
_struct_ref_seq.db_align_beg                  0 
_struct_ref_seq.pdbx_db_align_beg_ins_code    ? 
_struct_ref_seq.db_align_end                  29 
_struct_ref_seq.pdbx_db_align_end_ins_code    ? 
_struct_ref_seq.pdbx_auth_seq_align_beg       0 
_struct_ref_seq.pdbx_auth_seq_align_end       29 
# 
_pdbx_struct_assembly.id                   1 
_pdbx_struct_assembly.details              author_and_software_defined_assembly 
_pdbx_struct_assembly.method_details       PISA 
_pdbx_struct_assembly.oligomeric_details   trimeric 
_pdbx_struct_assembly.oligomeric_count     3 
# 
loop_
_pdbx_struct_assembly_prop.biol_id 
_pdbx_struct_assembly_prop.type 
_pdbx_struct_assembly_prop.value 
_pdbx_struct_assembly_prop.details 
1 'ABSA (A^2)' 3580 ? 
1 MORE         -48  ? 
1 'SSA (A^2)'  5810 ? 
# 
_pdbx_struct_assembly_gen.assembly_id       1 
_pdbx_struct_assembly_gen.oper_expression   1,2,3 
_pdbx_struct_assembly_gen.asym_id_list      A,B,C 
# 
_pdbx_struct_assembly_auth_evidence.id                     1 
_pdbx_struct_assembly_auth_evidence.assembly_id            1 
_pdbx_struct_assembly_auth_evidence.experimental_support   none 
_pdbx_struct_assembly_auth_evidence.details                ? 
# 
loop_
_pdbx_struct_oper_list.id 
_pdbx_struct_oper_list.type 
_pdbx_struct_oper_list.name 
_pdbx_struct_oper_list.symmetry_operation 
_pdbx_struct_oper_list.matrix[1][1] 
_pdbx_struct_oper_list.matrix[1][2] 
_pdbx_struct_oper_list.matrix[1][3] 
_pdbx_struct_oper_list.vector[1] 
_pdbx_struct_oper_list.matrix[2][1] 
_pdbx_struct_oper_list.matrix[2][2] 
_pdbx_struct_oper_list.matrix[2][3] 
_pdbx_struct_oper_list.vector[2] 
_pdbx_struct_oper_list.matrix[3][1] 
_pdbx_struct_oper_list.matrix[3][2] 
_pdbx_struct_oper_list.matrix[3][3] 
_pdbx_struct_oper_list.vector[3] 
1 'identity operation'         1_555 x,y,z     1.0000000000 0.0000000000  0.0000000000  0.0000000000 0.0000000000  1.0000000000  0.0000000000  0.0000000000 0.0000000000  0.0000000000  1.0000000000  0.0000000000  
2 'crystal symmetry operation' 2_555 -y,x-y,z  0.1898039090 -0.1110098771 -0.9755261572 4.3975268163 -0.9807422943 -0.0680211477 -0.1830783322 8.3457715706 -0.0460329057 0.9914887446  -0.1217827613 -2.9803972859 
3 'crystal symmetry operation' 3_555 -x+y,-x,z 0.1898039090 -0.9807422943 -0.0460329057 7.2131870307 -0.1110098771 -0.0680211477 0.9914887446  4.0108882354 -0.9755261572 -0.1830783322 -0.1217827613 5.4548713654 
# 
_struct_conf.conf_type_id            HELX_P 
_struct_conf.id                      HELX_P1 
_struct_conf.pdbx_PDB_helix_id       AA1 
_struct_conf.beg_label_comp_id       GLN 
_struct_conf.beg_label_asym_id       A 
_struct_conf.beg_label_seq_id        2 
_struct_conf.pdbx_beg_PDB_ins_code   ? 
_struct_conf.end_label_comp_id       LYS 
_struct_conf.end_label_asym_id       A 
_struct_conf.end_label_seq_id        28 
_struct_conf.pdbx_end_PDB_ins_code   ? 
_struct_conf.beg_auth_comp_id        GLN 
_struct_conf.beg_auth_asym_id        A 
_struct_conf.beg_auth_seq_id         1 
_struct_conf.end_auth_comp_id        LYS 
_struct_conf.end_auth_asym_id        A 
_struct_conf.end_auth_seq_id         27 
_struct_conf.pdbx_PDB_helix_class    1 
_struct_conf.details                 ? 
_struct_conf.pdbx_PDB_helix_length   27 
# 
_struct_conf_type.id          HELX_P 
_struct_conf_type.criteria    ? 
_struct_conf_type.reference   ? 
# 
loop_
_struct_conn.id 
_struct_conn.conn_type_id 
_struct_conn.pdbx_leaving_atom_flag 
_struct_conn.pdbx_PDB_id 
_struct_conn.ptnr1_label_asym_id 
_struct_conn.ptnr1_label_comp_id 
_struct_conn.ptnr1_label_seq_id 
_struct_conn.ptnr1_label_atom_id 
_struct_conn.pdbx_ptnr1_label_alt_id 
_struct_conn.pdbx_ptnr1_PDB_ins_code 
_struct_conn.pdbx_ptnr1_standard_comp_id 
_struct_conn.ptnr1_symmetry 
_struct_conn.ptnr2_label_asym_id 
_struct_conn.ptnr2_label_comp_id 
_struct_conn.ptnr2_label_seq_id 
_struct_conn.ptnr2_label_atom_id 
_struct_conn.pdbx_ptnr2_label_alt_id 
_struct_conn.pdbx_ptnr2_PDB_ins_code 
_struct_conn.ptnr1_auth_asym_id 
_struct_conn.ptnr1_auth_comp_id 
_struct_conn.ptnr1_auth_seq_id 
_struct_conn.ptnr2_auth_asym_id 
_struct_conn.ptnr2_auth_comp_id 
_struct_conn.ptnr2_auth_seq_id 
_struct_conn.ptnr2_symmetry 
_struct_conn.pdbx_ptnr3_label_atom_id 
_struct_conn.pdbx_ptnr3_label_seq_id 
_struct_conn.pdbx_ptnr3_label_comp_id 
_struct_conn.pdbx_ptnr3_label_asym_id 
_struct_conn.pdbx_ptnr3_label_alt_id 
_struct_conn.pdbx_ptnr3_PDB_ins_code 
_struct_conn.details 
_struct_conn.pdbx_dist_value 
_struct_conn.pdbx_value_order 
_struct_conn.pdbx_role 
covale1 covale both ? A ACE 1  C   ? ? ? 1_555 A GLN 2 N  ? ? A ACE 0  A GLN 1   1_555 ? ? ? ? ? ? ? 1.336 ? ? 
covale2 covale both ? A LYS 7  C   ? ? ? 1_555 A 7WJ 8 N  ? ? A LYS 6  A 7WJ 7   1_555 ? ? ? ? ? ? ? 1.329 ? ? 
covale3 covale both ? A 7WJ 8  C   ? ? ? 1_555 A ALA 9 N  ? ? A 7WJ 7  A ALA 8   1_555 ? ? ? ? ? ? ? 1.330 ? ? 
metalc1 metalc ?    ? A 7WJ 8  NT2 ? ? ? 1_555 B CU  . CU ? ? A 7WJ 7  A CU  100 1_555 ? ? ? ? ? ? ? 1.963 ? ? 
metalc2 metalc ?    ? A 7WJ 8  NU1 ? ? ? 1_555 B CU  . CU ? ? A 7WJ 7  A CU  100 1_555 ? ? ? ? ? ? ? 2.180 ? ? 
metalc3 metalc ?    ? A 7WJ 8  NU3 ? ? ? 1_555 B CU  . CU ? ? A 7WJ 7  A CU  100 1_555 ? ? ? ? ? ? ? 2.178 ? ? 
metalc4 metalc ?    ? A GLU 22 OE2 ? ? ? 1_555 B CU  . CU ? ? A GLU 21 A CU  100 8_444 ? ? ? ? ? ? ? 1.897 ? ? 
# 
loop_
_struct_conn_type.id 
_struct_conn_type.criteria 
_struct_conn_type.reference 
covale ? ? 
metalc ? ? 
# 
loop_
_pdbx_struct_conn_angle.id 
_pdbx_struct_conn_angle.ptnr1_label_atom_id 
_pdbx_struct_conn_angle.ptnr1_label_alt_id 
_pdbx_struct_conn_angle.ptnr1_label_asym_id 
_pdbx_struct_conn_angle.ptnr1_label_comp_id 
_pdbx_struct_conn_angle.ptnr1_label_seq_id 
_pdbx_struct_conn_angle.ptnr1_auth_atom_id 
_pdbx_struct_conn_angle.ptnr1_auth_asym_id 
_pdbx_struct_conn_angle.ptnr1_auth_comp_id 
_pdbx_struct_conn_angle.ptnr1_auth_seq_id 
_pdbx_struct_conn_angle.ptnr1_PDB_ins_code 
_pdbx_struct_conn_angle.ptnr1_symmetry 
_pdbx_struct_conn_angle.ptnr2_label_atom_id 
_pdbx_struct_conn_angle.ptnr2_label_alt_id 
_pdbx_struct_conn_angle.ptnr2_label_asym_id 
_pdbx_struct_conn_angle.ptnr2_label_comp_id 
_pdbx_struct_conn_angle.ptnr2_label_seq_id 
_pdbx_struct_conn_angle.ptnr2_auth_atom_id 
_pdbx_struct_conn_angle.ptnr2_auth_asym_id 
_pdbx_struct_conn_angle.ptnr2_auth_comp_id 
_pdbx_struct_conn_angle.ptnr2_auth_seq_id 
_pdbx_struct_conn_angle.ptnr2_PDB_ins_code 
_pdbx_struct_conn_angle.ptnr2_symmetry 
_pdbx_struct_conn_angle.ptnr3_label_atom_id 
_pdbx_struct_conn_angle.ptnr3_label_alt_id 
_pdbx_struct_conn_angle.ptnr3_label_asym_id 
_pdbx_struct_conn_angle.ptnr3_label_comp_id 
_pdbx_struct_conn_angle.ptnr3_label_seq_id 
_pdbx_struct_conn_angle.ptnr3_auth_atom_id 
_pdbx_struct_conn_angle.ptnr3_auth_asym_id 
_pdbx_struct_conn_angle.ptnr3_auth_comp_id 
_pdbx_struct_conn_angle.ptnr3_auth_seq_id 
_pdbx_struct_conn_angle.ptnr3_PDB_ins_code 
_pdbx_struct_conn_angle.ptnr3_symmetry 
_pdbx_struct_conn_angle.value 
_pdbx_struct_conn_angle.value_esd 
1 NT2 ? A 7WJ 8 ? A 7WJ 7 ? 1_555 CU ? B CU . ? A CU 100 ? 1_555 NU1 ? A 7WJ 8  ? A 7WJ 7  ? 1_555 80.1  ? 
2 NT2 ? A 7WJ 8 ? A 7WJ 7 ? 1_555 CU ? B CU . ? A CU 100 ? 1_555 NU3 ? A 7WJ 8  ? A 7WJ 7  ? 1_555 79.8  ? 
3 NU1 ? A 7WJ 8 ? A 7WJ 7 ? 1_555 CU ? B CU . ? A CU 100 ? 1_555 NU3 ? A 7WJ 8  ? A 7WJ 7  ? 1_555 159.9 ? 
4 NT2 ? A 7WJ 8 ? A 7WJ 7 ? 1_555 CU ? B CU . ? A CU 100 ? 1_555 OE2 ? A GLU 22 ? A GLU 21 ? 1_555 104.1 ? 
5 NU1 ? A 7WJ 8 ? A 7WJ 7 ? 1_555 CU ? B CU . ? A CU 100 ? 1_555 OE2 ? A GLU 22 ? A GLU 21 ? 1_555 150.0 ? 
6 NU3 ? A 7WJ 8 ? A 7WJ 7 ? 1_555 CU ? B CU . ? A CU 100 ? 1_555 OE2 ? A GLU 22 ? A GLU 21 ? 1_555 38.7  ? 
# 
loop_
_pdbx_modification_feature.ordinal 
_pdbx_modification_feature.label_comp_id 
_pdbx_modification_feature.label_asym_id 
_pdbx_modification_feature.label_seq_id 
_pdbx_modification_feature.label_alt_id 
_pdbx_modification_feature.modified_residue_label_comp_id 
_pdbx_modification_feature.modified_residue_label_asym_id 
_pdbx_modification_feature.modified_residue_label_seq_id 
_pdbx_modification_feature.modified_residue_label_alt_id 
_pdbx_modification_feature.auth_comp_id 
_pdbx_modification_feature.auth_asym_id 
_pdbx_modification_feature.auth_seq_id 
_pdbx_modification_feature.PDB_ins_code 
_pdbx_modification_feature.symmetry 
_pdbx_modification_feature.modified_residue_auth_comp_id 
_pdbx_modification_feature.modified_residue_auth_asym_id 
_pdbx_modification_feature.modified_residue_auth_seq_id 
_pdbx_modification_feature.modified_residue_PDB_ins_code 
_pdbx_modification_feature.modified_residue_symmetry 
_pdbx_modification_feature.comp_id_linking_atom 
_pdbx_modification_feature.modified_residue_id_linking_atom 
_pdbx_modification_feature.modified_residue_id 
_pdbx_modification_feature.ref_pcm_id 
_pdbx_modification_feature.ref_comp_id 
_pdbx_modification_feature.type 
_pdbx_modification_feature.category 
1 7WJ A 8 ? .   . . . 7WJ A 7 ? 1_555 .   . . . .     . . ?   1  7WJ None 'Non-standard residue' 
2 ACE A 1 ? GLN A 2 ? ACE A 0 ? 1_555 GLN A 1 ? 1_555 . . GLN 18 ACE None 'Terminal acetylation' 
# 
_struct_site.id                   AC1 
_struct_site.pdbx_evidence_code   Software 
_struct_site.pdbx_auth_asym_id    A 
_struct_site.pdbx_auth_comp_id    CU 
_struct_site.pdbx_auth_seq_id     100 
_struct_site.pdbx_auth_ins_code   ? 
_struct_site.pdbx_num_residues    2 
_struct_site.details              'binding site for residue CU A 100' 
# 
loop_
_struct_site_gen.id 
_struct_site_gen.site_id 
_struct_site_gen.pdbx_num_res 
_struct_site_gen.label_comp_id 
_struct_site_gen.label_asym_id 
_struct_site_gen.label_seq_id 
_struct_site_gen.pdbx_auth_ins_code 
_struct_site_gen.auth_comp_id 
_struct_site_gen.auth_asym_id 
_struct_site_gen.auth_seq_id 
_struct_site_gen.label_atom_id 
_struct_site_gen.label_alt_id 
_struct_site_gen.symmetry 
_struct_site_gen.details 
1 AC1 2 7WJ A 8  ? 7WJ A 7  . ? 1_555 ? 
2 AC1 2 GLU A 22 ? GLU A 21 . ? 6_445 ? 
# 
_pdbx_entry_details.entry_id                   6OLO 
_pdbx_entry_details.compound_details           ? 
_pdbx_entry_details.source_details             ? 
_pdbx_entry_details.nonpolymer_details         ? 
_pdbx_entry_details.sequence_details           ? 
_pdbx_entry_details.has_ligand_of_interest     ? 
_pdbx_entry_details.has_protein_modification   Y 
# 
loop_
_pdbx_unobs_or_zero_occ_residues.id 
_pdbx_unobs_or_zero_occ_residues.PDB_model_num 
_pdbx_unobs_or_zero_occ_residues.polymer_flag 
_pdbx_unobs_or_zero_occ_residues.occupancy_flag 
_pdbx_unobs_or_zero_occ_residues.auth_asym_id 
_pdbx_unobs_or_zero_occ_residues.auth_comp_id 
_pdbx_unobs_or_zero_occ_residues.auth_seq_id 
_pdbx_unobs_or_zero_occ_residues.PDB_ins_code 
_pdbx_unobs_or_zero_occ_residues.label_asym_id 
_pdbx_unobs_or_zero_occ_residues.label_comp_id 
_pdbx_unobs_or_zero_occ_residues.label_seq_id 
1 1 Y 1 A GLN 28 ? A GLN 29 
2 1 Y 1 A NH2 29 ? A NH2 30 
# 
loop_
_chem_comp_atom.comp_id 
_chem_comp_atom.atom_id 
_chem_comp_atom.type_symbol 
_chem_comp_atom.pdbx_aromatic_flag 
_chem_comp_atom.pdbx_stereo_config 
_chem_comp_atom.pdbx_ordinal 
7WJ C    C  N N 1   
7WJ CA   C  N S 2   
7WJ CB   C  N N 3   
7WJ CE   C  N N 4   
7WJ O    O  N N 5   
7WJ N    N  N N 6   
7WJ OE   O  N N 7   
7WJ CG   C  N N 8   
7WJ ND   N  N N 9   
7WJ CQ   C  Y N 10  
7WJ CR1  C  Y N 11  
7WJ CR2  C  Y N 12  
7WJ CS1  C  Y N 13  
7WJ CS2  C  Y N 14  
7WJ CT1  C  Y N 15  
7WJ CT3  C  Y N 16  
7WJ CU2  C  Y N 17  
7WJ CU4  C  Y N 18  
7WJ CV1  C  Y N 19  
7WJ CV2  C  Y N 20  
7WJ CV3  C  Y N 21  
7WJ CV4  C  Y N 22  
7WJ CW1  C  Y N 23  
7WJ CW2  C  Y N 24  
7WJ NT2  N  Y N 25  
7WJ NU1  N  Y N 26  
7WJ NU3  N  Y N 27  
7WJ HA   H  N N 28  
7WJ H3   H  N N 29  
7WJ H4   H  N N 30  
7WJ H    H  N N 31  
7WJ H2   H  N N 32  
7WJ H8   H  N N 33  
7WJ H9   H  N N 34  
7WJ H10  H  N N 35  
7WJ H11  H  N N 36  
7WJ H12  H  N N 37  
7WJ H13  H  N N 38  
7WJ H14  H  N N 39  
7WJ H15  H  N N 40  
7WJ H16  H  N N 41  
7WJ H17  H  N N 42  
7WJ H18  H  N N 43  
7WJ H19  H  N N 44  
7WJ H20  H  N N 45  
7WJ OXT  O  N N 46  
7WJ HXT  H  N N 47  
ACE C    C  N N 48  
ACE O    O  N N 49  
ACE CH3  C  N N 50  
ACE H    H  N N 51  
ACE H1   H  N N 52  
ACE H2   H  N N 53  
ACE H3   H  N N 54  
ALA N    N  N N 55  
ALA CA   C  N S 56  
ALA C    C  N N 57  
ALA O    O  N N 58  
ALA CB   C  N N 59  
ALA OXT  O  N N 60  
ALA H    H  N N 61  
ALA H2   H  N N 62  
ALA HA   H  N N 63  
ALA HB1  H  N N 64  
ALA HB2  H  N N 65  
ALA HB3  H  N N 66  
ALA HXT  H  N N 67  
CU  CU   CU N N 68  
GLN N    N  N N 69  
GLN CA   C  N S 70  
GLN C    C  N N 71  
GLN O    O  N N 72  
GLN CB   C  N N 73  
GLN CG   C  N N 74  
GLN CD   C  N N 75  
GLN OE1  O  N N 76  
GLN NE2  N  N N 77  
GLN OXT  O  N N 78  
GLN H    H  N N 79  
GLN H2   H  N N 80  
GLN HA   H  N N 81  
GLN HB2  H  N N 82  
GLN HB3  H  N N 83  
GLN HG2  H  N N 84  
GLN HG3  H  N N 85  
GLN HE21 H  N N 86  
GLN HE22 H  N N 87  
GLN HXT  H  N N 88  
GLU N    N  N N 89  
GLU CA   C  N S 90  
GLU C    C  N N 91  
GLU O    O  N N 92  
GLU CB   C  N N 93  
GLU CG   C  N N 94  
GLU CD   C  N N 95  
GLU OE1  O  N N 96  
GLU OE2  O  N N 97  
GLU OXT  O  N N 98  
GLU H    H  N N 99  
GLU H2   H  N N 100 
GLU HA   H  N N 101 
GLU HB2  H  N N 102 
GLU HB3  H  N N 103 
GLU HG2  H  N N 104 
GLU HG3  H  N N 105 
GLU HE2  H  N N 106 
GLU HXT  H  N N 107 
HOH O    O  N N 108 
HOH H1   H  N N 109 
HOH H2   H  N N 110 
ILE N    N  N N 111 
ILE CA   C  N S 112 
ILE C    C  N N 113 
ILE O    O  N N 114 
ILE CB   C  N S 115 
ILE CG1  C  N N 116 
ILE CG2  C  N N 117 
ILE CD1  C  N N 118 
ILE OXT  O  N N 119 
ILE H    H  N N 120 
ILE H2   H  N N 121 
ILE HA   H  N N 122 
ILE HB   H  N N 123 
ILE HG12 H  N N 124 
ILE HG13 H  N N 125 
ILE HG21 H  N N 126 
ILE HG22 H  N N 127 
ILE HG23 H  N N 128 
ILE HD11 H  N N 129 
ILE HD12 H  N N 130 
ILE HD13 H  N N 131 
ILE HXT  H  N N 132 
LYS N    N  N N 133 
LYS CA   C  N S 134 
LYS C    C  N N 135 
LYS O    O  N N 136 
LYS CB   C  N N 137 
LYS CG   C  N N 138 
LYS CD   C  N N 139 
LYS CE   C  N N 140 
LYS NZ   N  N N 141 
LYS OXT  O  N N 142 
LYS H    H  N N 143 
LYS H2   H  N N 144 
LYS HA   H  N N 145 
LYS HB2  H  N N 146 
LYS HB3  H  N N 147 
LYS HG2  H  N N 148 
LYS HG3  H  N N 149 
LYS HD2  H  N N 150 
LYS HD3  H  N N 151 
LYS HE2  H  N N 152 
LYS HE3  H  N N 153 
LYS HZ1  H  N N 154 
LYS HZ2  H  N N 155 
LYS HZ3  H  N N 156 
LYS HXT  H  N N 157 
NH2 N    N  N N 158 
NH2 HN1  H  N N 159 
NH2 HN2  H  N N 160 
# 
loop_
_chem_comp_bond.comp_id 
_chem_comp_bond.atom_id_1 
_chem_comp_bond.atom_id_2 
_chem_comp_bond.value_order 
_chem_comp_bond.pdbx_aromatic_flag 
_chem_comp_bond.pdbx_stereo_config 
_chem_comp_bond.pdbx_ordinal 
7WJ CG  CB   sing N N 1   
7WJ CG  ND   sing N N 2   
7WJ N   CA   sing N N 3   
7WJ OE  CE   doub N N 4   
7WJ CB  CA   sing N N 5   
7WJ ND  CE   sing N N 6   
7WJ CE  CQ   sing N N 7   
7WJ CA  C    sing N N 8   
7WJ CQ  CR2  doub Y N 9   
7WJ CQ  CR1  sing Y N 10  
7WJ CR2 CS2  sing Y N 11  
7WJ CU4 CV4  doub Y N 12  
7WJ CU4 CT3  sing Y N 13  
7WJ C   O    doub N N 14  
7WJ CV4 CW2  sing Y N 15  
7WJ CR1 CS1  doub Y N 16  
7WJ CS2 CT3  sing N N 17  
7WJ CS2 NT2  doub Y N 18  
7WJ CT3 NU3  doub Y N 19  
7WJ CW2 CV3  doub Y N 20  
7WJ CS1 NT2  sing Y N 21  
7WJ CS1 CT1  sing N N 22  
7WJ NU3 CV3  sing Y N 23  
7WJ CT1 CU2  doub Y N 24  
7WJ CT1 NU1  sing Y N 25  
7WJ CU2 CV2  sing Y N 26  
7WJ NU1 CV1  doub Y N 27  
7WJ CV2 CW1  doub Y N 28  
7WJ CV1 CW1  sing Y N 29  
7WJ CA  HA   sing N N 30  
7WJ CB  H3   sing N N 31  
7WJ CB  H4   sing N N 32  
7WJ N   H    sing N N 33  
7WJ N   H2   sing N N 34  
7WJ CG  H8   sing N N 35  
7WJ CG  H9   sing N N 36  
7WJ ND  H10  sing N N 37  
7WJ CR1 H11  sing N N 38  
7WJ CR2 H12  sing N N 39  
7WJ CU2 H13  sing N N 40  
7WJ CU4 H14  sing N N 41  
7WJ CV1 H15  sing N N 42  
7WJ CV2 H16  sing N N 43  
7WJ CV3 H17  sing N N 44  
7WJ CV4 H18  sing N N 45  
7WJ CW1 H19  sing N N 46  
7WJ CW2 H20  sing N N 47  
7WJ C   OXT  sing N N 48  
7WJ OXT HXT  sing N N 49  
ACE C   O    doub N N 50  
ACE C   CH3  sing N N 51  
ACE C   H    sing N N 52  
ACE CH3 H1   sing N N 53  
ACE CH3 H2   sing N N 54  
ACE CH3 H3   sing N N 55  
ALA N   CA   sing N N 56  
ALA N   H    sing N N 57  
ALA N   H2   sing N N 58  
ALA CA  C    sing N N 59  
ALA CA  CB   sing N N 60  
ALA CA  HA   sing N N 61  
ALA C   O    doub N N 62  
ALA C   OXT  sing N N 63  
ALA CB  HB1  sing N N 64  
ALA CB  HB2  sing N N 65  
ALA CB  HB3  sing N N 66  
ALA OXT HXT  sing N N 67  
GLN N   CA   sing N N 68  
GLN N   H    sing N N 69  
GLN N   H2   sing N N 70  
GLN CA  C    sing N N 71  
GLN CA  CB   sing N N 72  
GLN CA  HA   sing N N 73  
GLN C   O    doub N N 74  
GLN C   OXT  sing N N 75  
GLN CB  CG   sing N N 76  
GLN CB  HB2  sing N N 77  
GLN CB  HB3  sing N N 78  
GLN CG  CD   sing N N 79  
GLN CG  HG2  sing N N 80  
GLN CG  HG3  sing N N 81  
GLN CD  OE1  doub N N 82  
GLN CD  NE2  sing N N 83  
GLN NE2 HE21 sing N N 84  
GLN NE2 HE22 sing N N 85  
GLN OXT HXT  sing N N 86  
GLU N   CA   sing N N 87  
GLU N   H    sing N N 88  
GLU N   H2   sing N N 89  
GLU CA  C    sing N N 90  
GLU CA  CB   sing N N 91  
GLU CA  HA   sing N N 92  
GLU C   O    doub N N 93  
GLU C   OXT  sing N N 94  
GLU CB  CG   sing N N 95  
GLU CB  HB2  sing N N 96  
GLU CB  HB3  sing N N 97  
GLU CG  CD   sing N N 98  
GLU CG  HG2  sing N N 99  
GLU CG  HG3  sing N N 100 
GLU CD  OE1  doub N N 101 
GLU CD  OE2  sing N N 102 
GLU OE2 HE2  sing N N 103 
GLU OXT HXT  sing N N 104 
HOH O   H1   sing N N 105 
HOH O   H2   sing N N 106 
ILE N   CA   sing N N 107 
ILE N   H    sing N N 108 
ILE N   H2   sing N N 109 
ILE CA  C    sing N N 110 
ILE CA  CB   sing N N 111 
ILE CA  HA   sing N N 112 
ILE C   O    doub N N 113 
ILE C   OXT  sing N N 114 
ILE CB  CG1  sing N N 115 
ILE CB  CG2  sing N N 116 
ILE CB  HB   sing N N 117 
ILE CG1 CD1  sing N N 118 
ILE CG1 HG12 sing N N 119 
ILE CG1 HG13 sing N N 120 
ILE CG2 HG21 sing N N 121 
ILE CG2 HG22 sing N N 122 
ILE CG2 HG23 sing N N 123 
ILE CD1 HD11 sing N N 124 
ILE CD1 HD12 sing N N 125 
ILE CD1 HD13 sing N N 126 
ILE OXT HXT  sing N N 127 
LYS N   CA   sing N N 128 
LYS N   H    sing N N 129 
LYS N   H2   sing N N 130 
LYS CA  C    sing N N 131 
LYS CA  CB   sing N N 132 
LYS CA  HA   sing N N 133 
LYS C   O    doub N N 134 
LYS C   OXT  sing N N 135 
LYS CB  CG   sing N N 136 
LYS CB  HB2  sing N N 137 
LYS CB  HB3  sing N N 138 
LYS CG  CD   sing N N 139 
LYS CG  HG2  sing N N 140 
LYS CG  HG3  sing N N 141 
LYS CD  CE   sing N N 142 
LYS CD  HD2  sing N N 143 
LYS CD  HD3  sing N N 144 
LYS CE  NZ   sing N N 145 
LYS CE  HE2  sing N N 146 
LYS CE  HE3  sing N N 147 
LYS NZ  HZ1  sing N N 148 
LYS NZ  HZ2  sing N N 149 
LYS NZ  HZ3  sing N N 150 
LYS OXT HXT  sing N N 151 
NH2 N   HN1  sing N N 152 
NH2 N   HN2  sing N N 153 
# 
_pdbx_initial_refinement_model.id               1 
_pdbx_initial_refinement_model.entity_id_list   ? 
_pdbx_initial_refinement_model.type             'experimental model' 
_pdbx_initial_refinement_model.source_name      PDB 
_pdbx_initial_refinement_model.accession_code   4DZL 
_pdbx_initial_refinement_model.details          '4DZL, CHAIN A' 
# 
_atom_sites.entry_id                    6OLO 
_atom_sites.fract_transf_matrix[1][1]   0.01225938 
_atom_sites.fract_transf_matrix[1][2]   0.02451570 
_atom_sites.fract_transf_matrix[1][3]   -0.00964402 
_atom_sites.fract_transf_matrix[2][1]   0.02127267 
_atom_sites.fract_transf_matrix[2][2]   0.01259071 
_atom_sites.fract_transf_matrix[2][3]   0.01527274 
_atom_sites.fract_transf_matrix[3][1]   0.01616746 
_atom_sites.fract_transf_matrix[3][2]   -0.01279411 
_atom_sites.fract_transf_matrix[3][3]   -0.01197153 
_atom_sites.fract_transf_vector[1]      -0.140469 
_atom_sites.fract_transf_vector[2]      -0.146787 
_atom_sites.fract_transf_vector[3]      -0.354578 
# 
loop_
_atom_type.symbol 
C  
CU 
N  
O  
# 
loop_
_atom_site.group_PDB 
_atom_site.id 
_atom_site.type_symbol 
_atom_site.label_atom_id 
_atom_site.label_alt_id 
_atom_site.label_comp_id 
_atom_site.label_asym_id 
_atom_site.label_entity_id 
_atom_site.label_seq_id 
_atom_site.pdbx_PDB_ins_code 
_atom_site.Cartn_x 
_atom_site.Cartn_y 
_atom_site.Cartn_z 
_atom_site.occupancy 
_atom_site.B_iso_or_equiv 
_atom_site.pdbx_formal_charge 
_atom_site.auth_seq_id 
_atom_site.auth_comp_id 
_atom_site.auth_asym_id 
_atom_site.auth_atom_id 
_atom_site.pdbx_PDB_model_num 
HETATM 1   C  C   . ACE A 1 1  ? 15.025  -12.758 -3.977  1.00 54.60 ? 0   ACE A C   1 
HETATM 2   O  O   . ACE A 1 1  ? 13.947  -12.314 -3.584  1.00 50.19 ? 0   ACE A O   1 
HETATM 3   C  CH3 . ACE A 1 1  ? 15.144  -14.205 -4.435  1.00 53.07 ? 0   ACE A CH3 1 
ATOM   4   N  N   . GLN A 1 2  ? 16.141  -12.027 -4.038  1.00 54.11 ? 1   GLN A N   1 
ATOM   5   C  CA  . GLN A 1 2  ? 16.139  -10.634 -3.597  1.00 51.69 ? 1   GLN A CA  1 
ATOM   6   C  C   . GLN A 1 2  ? 15.176  -9.792  -4.422  1.00 50.55 ? 1   GLN A C   1 
ATOM   7   O  O   . GLN A 1 2  ? 14.469  -8.935  -3.876  1.00 49.73 ? 1   GLN A O   1 
ATOM   8   C  CB  . GLN A 1 2  ? 17.550  -10.054 -3.674  1.00 50.12 ? 1   GLN A CB  1 
ATOM   9   C  CG  . GLN A 1 2  ? 18.326  -10.150 -2.383  1.00 53.21 ? 1   GLN A CG  1 
ATOM   10  C  CD  . GLN A 1 2  ? 19.754  -9.675  -2.536  1.00 59.51 ? 1   GLN A CD  1 
ATOM   11  O  OE1 . GLN A 1 2  ? 20.146  -8.654  -1.973  1.00 62.11 ? 1   GLN A OE1 1 
ATOM   12  N  NE2 . GLN A 1 2  ? 20.547  -10.424 -3.290  1.00 54.41 ? 1   GLN A NE2 1 
ATOM   13  N  N   . ILE A 1 3  ? 15.135  -10.019 -5.733  1.00 50.16 ? 2   ILE A N   1 
ATOM   14  C  CA  . ILE A 1 3  ? 14.244  -9.254  -6.598  1.00 53.37 ? 2   ILE A CA  1 
ATOM   15  C  C   . ILE A 1 3  ? 12.790  -9.601  -6.312  1.00 51.51 ? 2   ILE A C   1 
ATOM   16  O  O   . ILE A 1 3  ? 11.930  -8.714  -6.250  1.00 48.76 ? 2   ILE A O   1 
ATOM   17  C  CB  . ILE A 1 3  ? 14.615  -9.496  -8.071  1.00 53.79 ? 2   ILE A CB  1 
ATOM   18  C  CG1 . ILE A 1 3  ? 15.831  -8.648  -8.451  1.00 52.32 ? 2   ILE A CG1 1 
ATOM   19  C  CG2 . ILE A 1 3  ? 13.426  -9.212  -8.987  1.00 53.60 ? 2   ILE A CG2 1 
ATOM   20  C  CD1 . ILE A 1 3  ? 16.386  -8.956  -9.819  1.00 60.47 ? 2   ILE A CD1 1 
ATOM   21  N  N   . ALA A 1 4  ? 12.492  -10.888 -6.114  1.00 51.67 ? 3   ALA A N   1 
ATOM   22  C  CA  . ALA A 1 4  ? 11.128  -11.289 -5.776  1.00 47.32 ? 3   ALA A CA  1 
ATOM   23  C  C   . ALA A 1 4  ? 10.726  -10.777 -4.398  1.00 46.66 ? 3   ALA A C   1 
ATOM   24  O  O   . ALA A 1 4  ? 9.553   -10.464 -4.163  1.00 49.04 ? 3   ALA A O   1 
ATOM   25  C  CB  . ALA A 1 4  ? 10.993  -12.810 -5.838  1.00 53.21 ? 3   ALA A CB  1 
ATOM   26  N  N   . ALA A 1 5  ? 11.682  -10.696 -3.470  1.00 44.47 ? 4   ALA A N   1 
ATOM   27  C  CA  . ALA A 1 5  ? 11.381  -10.134 -2.157  1.00 42.53 ? 4   ALA A CA  1 
ATOM   28  C  C   . ALA A 1 5  ? 11.053  -8.650  -2.260  1.00 41.53 ? 4   ALA A C   1 
ATOM   29  O  O   . ALA A 1 5  ? 10.177  -8.150  -1.546  1.00 43.22 ? 4   ALA A O   1 
ATOM   30  C  CB  . ALA A 1 5  ? 12.552  -10.363 -1.202  1.00 43.70 ? 4   ALA A CB  1 
ATOM   31  N  N   . ILE A 1 6  ? 11.750  -7.934  -3.144  1.00 43.30 ? 5   ILE A N   1 
ATOM   32  C  CA  . ILE A 1 6  ? 11.462  -6.519  -3.364  1.00 43.72 ? 5   ILE A CA  1 
ATOM   33  C  C   . ILE A 1 6  ? 10.070  -6.346  -3.961  1.00 39.96 ? 5   ILE A C   1 
ATOM   34  O  O   . ILE A 1 6  ? 9.336   -5.414  -3.612  1.00 46.27 ? 5   ILE A O   1 
ATOM   35  C  CB  . ILE A 1 6  ? 12.550  -5.902  -4.261  1.00 45.29 ? 5   ILE A CB  1 
ATOM   36  C  CG1 . ILE A 1 6  ? 13.857  -5.751  -3.480  1.00 46.16 ? 5   ILE A CG1 1 
ATOM   37  C  CG2 . ILE A 1 6  ? 12.090  -4.574  -4.831  1.00 42.48 ? 5   ILE A CG2 1 
ATOM   38  C  CD1 . ILE A 1 6  ? 15.076  -5.585  -4.357  1.00 49.33 ? 5   ILE A CD1 1 
ATOM   39  N  N   . LYS A 1 7  ? 9.683   -7.249  -4.854  1.00 40.39 ? 6   LYS A N   1 
ATOM   40  C  CA  . LYS A 1 7  ? 8.376   -7.195  -5.493  1.00 44.80 ? 6   LYS A CA  1 
ATOM   41  C  C   . LYS A 1 7  ? 7.265   -7.448  -4.482  1.00 41.64 ? 6   LYS A C   1 
ATOM   42  O  O   . LYS A 1 7  ? 6.203   -6.835  -4.549  1.00 41.88 ? 6   LYS A O   1 
ATOM   43  C  CB  . LYS A 1 7  ? 8.305   -8.211  -6.631  1.00 45.75 ? 6   LYS A CB  1 
ATOM   44  C  CG  . LYS A 1 7  ? 8.166   -7.581  -8.003  1.00 51.99 ? 6   LYS A CG  1 
ATOM   45  C  CD  . LYS A 1 7  ? 8.806   -8.441  -9.077  1.00 51.66 ? 6   LYS A CD  1 
ATOM   46  C  CE  . LYS A 1 7  ? 8.262   -8.076  -10.448 1.00 56.60 ? 6   LYS A CE  1 
ATOM   47  N  NZ  . LYS A 1 7  ? 8.100   -6.605  -10.593 1.00 55.93 ? 6   LYS A NZ  1 
HETATM 48  C  C   . 7WJ A 1 8  ? 6.355   -7.522  -1.534  1.00 42.86 ? 7   7WJ A C   1 
HETATM 49  C  CA  . 7WJ A 1 8  ? 6.539   -8.683  -2.470  1.00 40.60 ? 7   7WJ A CA  1 
HETATM 50  C  CB  . 7WJ A 1 8  ? 6.992   -9.921  -1.696  1.00 43.21 ? 7   7WJ A CB  1 
HETATM 51  C  CE  . 7WJ A 1 8  ? 3.630   -9.689  -0.403  1.00 51.06 ? 7   7WJ A CE  1 
HETATM 52  O  O   . 7WJ A 1 8  ? 5.240   -7.224  -1.111  1.00 40.11 ? 7   7WJ A O   1 
HETATM 53  N  N   . 7WJ A 1 8  ? 7.522   -8.353  -3.544  1.00 40.19 ? 7   7WJ A N   1 
HETATM 54  O  OE  . 7WJ A 1 8  ? 3.771   -9.132  0.674   1.00 50.60 ? 7   7WJ A OE  1 
HETATM 55  C  CG  . 7WJ A 1 8  ? 6.013   -10.266 -0.578  1.00 41.68 ? 7   7WJ A CG  1 
HETATM 56  N  ND  . 7WJ A 1 8  ? 4.645   -10.254 -1.058  1.00 45.94 ? 7   7WJ A ND  1 
HETATM 57  C  CQ  . 7WJ A 1 8  ? 2.284   -9.773  -1.065  1.00 54.59 ? 7   7WJ A CQ  1 
HETATM 58  C  CR1 . 7WJ A 1 8  ? 2.239   -10.303 -2.349  1.00 53.41 ? 7   7WJ A CR1 1 
HETATM 59  C  CR2 . 7WJ A 1 8  ? 1.101   -9.347  -0.454  1.00 50.30 ? 7   7WJ A CR2 1 
HETATM 60  C  CS1 . 7WJ A 1 8  ? 1.021   -10.402 -3.003  1.00 54.79 ? 7   7WJ A CS1 1 
HETATM 61  C  CS2 . 7WJ A 1 8  ? -0.097  -9.473  -1.161  1.00 56.94 ? 7   7WJ A CS2 1 
HETATM 62  C  CT1 . 7WJ A 1 8  ? 0.839   -10.948 -4.372  1.00 55.65 ? 7   7WJ A CT1 1 
HETATM 63  C  CT3 . 7WJ A 1 8  ? -1.444  -9.074  -0.666  1.00 60.08 ? 7   7WJ A CT3 1 
HETATM 64  C  CU2 . 7WJ A 1 8  ? 1.903   -11.417 -5.132  1.00 59.07 ? 7   7WJ A CU2 1 
HETATM 65  C  CU4 . 7WJ A 1 8  ? -1.629  -8.519  0.593   1.00 55.95 ? 7   7WJ A CU4 1 
HETATM 66  C  CV1 . 7WJ A 1 8  ? -0.679  -11.446 -6.081  1.00 52.59 ? 7   7WJ A CV1 1 
HETATM 67  C  CV2 . 7WJ A 1 8  ? 1.654   -11.911 -6.405  1.00 55.50 ? 7   7WJ A CV2 1 
HETATM 68  C  CV3 . 7WJ A 1 8  ? -3.740  -8.942  -1.140  1.00 59.48 ? 7   7WJ A CV3 1 
HETATM 69  C  CV4 . 7WJ A 1 8  ? -2.915  -8.172  0.985   1.00 56.36 ? 7   7WJ A CV4 1 
HETATM 70  C  CW1 . 7WJ A 1 8  ? 0.351   -11.928 -6.884  1.00 49.06 ? 7   7WJ A CW1 1 
HETATM 71  C  CW2 . 7WJ A 1 8  ? -3.977  -8.386  0.112   1.00 61.09 ? 7   7WJ A CW2 1 
HETATM 72  N  NT2 . 7WJ A 1 8  ? -0.092  -9.993  -2.394  1.00 54.82 ? 7   7WJ A NT2 1 
HETATM 73  N  NU1 . 7WJ A 1 8  ? -0.423  -10.971 -4.857  1.00 52.80 ? 7   7WJ A NU1 1 
HETATM 74  N  NU3 . 7WJ A 1 8  ? -2.495  -9.276  -1.504  1.00 58.72 ? 7   7WJ A NU3 1 
ATOM   75  N  N   . ALA A 1 9  ? 7.456   -6.857  -1.198  1.00 39.80 ? 8   ALA A N   1 
ATOM   76  C  CA  . ALA A 1 9  ? 7.416   -5.718  -0.289  1.00 40.69 ? 8   ALA A CA  1 
ATOM   77  C  C   . ALA A 1 9  ? 6.656   -4.556  -0.916  1.00 39.15 ? 8   ALA A C   1 
ATOM   78  O  O   . ALA A 1 9  ? 5.894   -3.865  -0.243  1.00 43.80 ? 8   ALA A O   1 
ATOM   79  C  CB  . ALA A 1 9  ? 8.824   -5.291  0.091   1.00 33.40 ? 8   ALA A CB  1 
ATOM   80  N  N   . ILE A 1 10 ? 6.880   -4.347  -2.217  1.00 40.48 ? 9   ILE A N   1 
ATOM   81  C  CA  . ILE A 1 10 ? 6.166   -3.297  -2.937  1.00 38.78 ? 9   ILE A CA  1 
ATOM   82  C  C   . ILE A 1 10 ? 4.680   -3.619  -3.009  1.00 39.25 ? 9   ILE A C   1 
ATOM   83  O  O   . ILE A 1 10 ? 3.829   -2.727  -2.880  1.00 43.03 ? 9   ILE A O   1 
ATOM   84  C  CB  . ILE A 1 10 ? 6.780   -3.110  -4.338  1.00 37.18 ? 9   ILE A CB  1 
ATOM   85  C  CG1 . ILE A 1 10 ? 8.123   -2.389  -4.226  1.00 38.08 ? 9   ILE A CG1 1 
ATOM   86  C  CG2 . ILE A 1 10 ? 5.831   -2.352  -5.259  1.00 40.91 ? 9   ILE A CG2 1 
ATOM   87  C  CD1 . ILE A 1 10 ? 8.879   -2.314  -5.530  1.00 46.79 ? 9   ILE A CD1 1 
ATOM   88  N  N   . ALA A 1 11 ? 4.341   -4.896  -3.193  1.00 38.50 ? 10  ALA A N   1 
ATOM   89  C  CA  . ALA A 1 11 ? 2.936   -5.288  -3.240  1.00 40.36 ? 10  ALA A CA  1 
ATOM   90  C  C   . ALA A 1 11 ? 2.238   -5.001  -1.915  1.00 40.07 ? 10  ALA A C   1 
ATOM   91  O  O   . ALA A 1 11 ? 1.095   -4.527  -1.898  1.00 42.33 ? 10  ALA A O   1 
ATOM   92  C  CB  . ALA A 1 11 ? 2.815   -6.769  -3.605  1.00 41.09 ? 10  ALA A CB  1 
ATOM   93  N  N   . ALA A 1 12 ? 2.907   -5.282  -0.794  1.00 35.41 ? 11  ALA A N   1 
ATOM   94  C  CA  . ALA A 1 12 ? 2.321   -4.965  0.504   1.00 38.75 ? 11  ALA A CA  1 
ATOM   95  C  C   . ALA A 1 12 ? 2.199   -3.458  0.702   1.00 39.49 ? 11  ALA A C   1 
ATOM   96  O  O   . ALA A 1 12 ? 1.248   -2.985  1.334   1.00 42.35 ? 11  ALA A O   1 
ATOM   97  C  CB  . ALA A 1 12 ? 3.147   -5.591  1.629   1.00 36.92 ? 11  ALA A CB  1 
ATOM   98  N  N   . ILE A 1 13 ? 3.150   -2.689  0.165   1.00 41.76 ? 12  ILE A N   1 
ATOM   99  C  CA  . ILE A 1 13 ? 3.099   -1.237  0.310   1.00 42.28 ? 12  ILE A CA  1 
ATOM   100 C  C   . ILE A 1 13 ? 1.941   -0.657  -0.492  1.00 40.53 ? 12  ILE A C   1 
ATOM   101 O  O   . ILE A 1 13 ? 1.215   0.220   -0.010  1.00 35.80 ? 12  ILE A O   1 
ATOM   102 C  CB  . ILE A 1 13 ? 4.449   -0.615  -0.093  1.00 39.34 ? 12  ILE A CB  1 
ATOM   103 C  CG1 . ILE A 1 13 ? 5.493   -0.924  0.980   1.00 41.54 ? 12  ILE A CG1 1 
ATOM   104 C  CG2 . ILE A 1 13 ? 4.314   0.893   -0.292  1.00 37.42 ? 12  ILE A CG2 1 
ATOM   105 C  CD1 . ILE A 1 13 ? 6.901   -0.538  0.600   1.00 40.68 ? 12  ILE A CD1 1 
ATOM   106 N  N   . LYS A 1 14 ? 1.741   -1.148  -1.720  1.00 40.52 ? 13  LYS A N   1 
ATOM   107 C  CA  . LYS A 1 14 ? 0.589   -0.719  -2.509  1.00 40.36 ? 13  LYS A CA  1 
ATOM   108 C  C   . LYS A 1 14 ? -0.713  -0.941  -1.747  1.00 42.73 ? 13  LYS A C   1 
ATOM   109 O  O   . LYS A 1 14 ? -1.611  -0.092  -1.778  1.00 40.44 ? 13  LYS A O   1 
ATOM   110 C  CB  . LYS A 1 14 ? 0.544   -1.461  -3.845  1.00 44.16 ? 13  LYS A CB  1 
ATOM   111 C  CG  . LYS A 1 14 ? 1.658   -1.109  -4.814  1.00 46.74 ? 13  LYS A CG  1 
ATOM   112 C  CD  . LYS A 1 14 ? 1.183   -1.278  -6.248  1.00 49.03 ? 13  LYS A CD  1 
ATOM   113 C  CE  . LYS A 1 14 ? 2.234   -1.933  -7.128  1.00 56.86 ? 13  LYS A CE  1 
ATOM   114 N  NZ  . LYS A 1 14 ? 2.317   -3.406  -6.914  1.00 60.95 ? 13  LYS A NZ  1 
ATOM   115 N  N   . GLN A 1 15 ? -0.826  -2.076  -1.055  1.00 42.97 ? 14  GLN A N   1 
ATOM   116 C  CA  . GLN A 1 15 ? -2.044  -2.363  -0.304  1.00 45.01 ? 14  GLN A CA  1 
ATOM   117 C  C   . GLN A 1 15 ? -2.237  -1.372  0.839   1.00 42.99 ? 14  GLN A C   1 
ATOM   118 O  O   . GLN A 1 15 ? -3.358  -0.910  1.081   1.00 40.07 ? 14  GLN A O   1 
ATOM   119 C  CB  . GLN A 1 15 ? -2.009  -3.799  0.213   1.00 45.92 ? 14  GLN A CB  1 
ATOM   120 C  CG  . GLN A 1 15 ? -2.353  -4.833  -0.851  1.00 50.25 ? 14  GLN A CG  1 
ATOM   121 C  CD  . GLN A 1 15 ? -3.847  -5.047  -0.991  1.00 59.96 ? 14  GLN A CD  1 
ATOM   122 O  OE1 . GLN A 1 15 ? -4.589  -4.942  -0.019  1.00 60.81 ? 14  GLN A OE1 1 
ATOM   123 N  NE2 . GLN A 1 15 ? -4.295  -5.347  -2.205  1.00 66.33 ? 14  GLN A NE2 1 
ATOM   124 N  N   . GLN A 1 16 ? -1.157  -1.027  1.543   1.00 39.52 ? 15  GLN A N   1 
ATOM   125 C  CA  . GLN A 1 16 ? -1.268  -0.073  2.642   1.00 40.85 ? 15  GLN A CA  1 
ATOM   126 C  C   . GLN A 1 16 ? -1.581  1.331   2.133   1.00 38.15 ? 15  GLN A C   1 
ATOM   127 O  O   . GLN A 1 16 ? -2.317  2.080   2.786   1.00 38.25 ? 15  GLN A O   1 
ATOM   128 C  CB  . GLN A 1 16 ? 0.016   -0.076  3.468   1.00 44.23 ? 15  GLN A CB  1 
ATOM   129 C  CG  . GLN A 1 16 ? 0.165   -1.300  4.357   1.00 48.27 ? 15  GLN A CG  1 
ATOM   130 C  CD  . GLN A 1 16 ? 1.547   -1.418  4.968   1.00 55.62 ? 15  GLN A CD  1 
ATOM   131 O  OE1 . GLN A 1 16 ? 2.555   -1.256  4.282   1.00 50.81 ? 15  GLN A OE1 1 
ATOM   132 N  NE2 . GLN A 1 16 ? 1.600   -1.698  6.265   1.00 56.05 ? 15  GLN A NE2 1 
ATOM   133 N  N   . ILE A 1 17 ? -1.038  1.702   0.972   1.00 39.55 ? 16  ILE A N   1 
ATOM   134 C  CA  . ILE A 1 17 ? -1.331  3.015   0.400   1.00 37.79 ? 16  ILE A CA  1 
ATOM   135 C  C   . ILE A 1 17 ? -2.813  3.140   0.081   1.00 39.60 ? 16  ILE A C   1 
ATOM   136 O  O   . ILE A 1 17 ? -3.444  4.163   0.380   1.00 40.71 ? 16  ILE A O   1 
ATOM   137 C  CB  . ILE A 1 17 ? -0.454  3.264   -0.841  1.00 34.05 ? 16  ILE A CB  1 
ATOM   138 C  CG1 . ILE A 1 17 ? 0.969   3.551   -0.394  1.00 37.51 ? 16  ILE A CG1 1 
ATOM   139 C  CG2 . ILE A 1 17 ? -0.984  4.435   -1.651  1.00 41.15 ? 16  ILE A CG2 1 
ATOM   140 C  CD1 . ILE A 1 17 ? 1.005   4.508   0.738   1.00 37.36 ? 16  ILE A CD1 1 
ATOM   141 N  N   . ALA A 1 18 ? -3.401  2.093   -0.504  1.00 34.59 ? 17  ALA A N   1 
ATOM   142 C  CA  . ALA A 1 18 ? -4.824  2.123   -0.819  1.00 39.65 ? 17  ALA A CA  1 
ATOM   143 C  C   . ALA A 1 18 ? -5.669  2.292   0.441   1.00 39.24 ? 17  ALA A C   1 
ATOM   144 O  O   . ALA A 1 18 ? -6.646  3.051   0.441   1.00 39.56 ? 17  ALA A O   1 
ATOM   145 C  CB  . ALA A 1 18 ? -5.222  0.853   -1.573  1.00 33.13 ? 17  ALA A CB  1 
ATOM   146 N  N   . ALA A 1 19 ? -5.309  1.598   1.523   1.00 39.11 ? 18  ALA A N   1 
ATOM   147 C  CA  . ALA A 1 19 ? -6.078  1.719   2.760   1.00 43.77 ? 18  ALA A CA  1 
ATOM   148 C  C   . ALA A 1 19 ? -5.916  3.101   3.382   1.00 37.48 ? 18  ALA A C   1 
ATOM   149 O  O   . ALA A 1 19 ? -6.874  3.658   3.930   1.00 44.90 ? 18  ALA A O   1 
ATOM   150 C  CB  . ALA A 1 19 ? -5.666  0.626   3.749   1.00 36.80 ? 18  ALA A CB  1 
ATOM   151 N  N   . ILE A 1 20 ? -4.711  3.670   3.304   1.00 42.21 ? 19  ILE A N   1 
ATOM   152 C  CA  . ILE A 1 20 ? -4.472  5.003   3.852   1.00 39.72 ? 19  ILE A CA  1 
ATOM   153 C  C   . ILE A 1 20 ? -5.279  6.050   3.097   1.00 38.68 ? 19  ILE A C   1 
ATOM   154 O  O   . ILE A 1 20 ? -5.898  6.932   3.706   1.00 41.38 ? 19  ILE A O   1 
ATOM   155 C  CB  . ILE A 1 20 ? -2.965  5.314   3.833   1.00 42.14 ? 19  ILE A CB  1 
ATOM   156 C  CG1 . ILE A 1 20 ? -2.261  4.512   4.928   1.00 38.31 ? 19  ILE A CG1 1 
ATOM   157 C  CG2 . ILE A 1 20 ? -2.722  6.809   3.988   1.00 43.23 ? 19  ILE A CG2 1 
ATOM   158 C  CD1 . ILE A 1 20 ? -0.759  4.479   4.810   1.00 39.72 ? 19  ILE A CD1 1 
ATOM   159 N  N   . LYS A 1 21 ? -5.308  5.962   1.763   1.00 39.68 ? 20  LYS A N   1 
ATOM   160 C  CA  . LYS A 1 21 ? -6.049  6.944   0.976   1.00 42.91 ? 20  LYS A CA  1 
ATOM   161 C  C   . LYS A 1 21 ? -7.549  6.855   1.235   1.00 40.57 ? 20  LYS A C   1 
ATOM   162 O  O   . LYS A 1 21 ? -8.240  7.881   1.259   1.00 37.85 ? 20  LYS A O   1 
ATOM   163 C  CB  . LYS A 1 21 ? -5.743  6.769   -0.511  1.00 38.92 ? 20  LYS A CB  1 
ATOM   164 C  CG  . LYS A 1 21 ? -4.360  7.265   -0.893  1.00 44.72 ? 20  LYS A CG  1 
ATOM   165 C  CD  . LYS A 1 21 ? -4.329  7.821   -2.303  1.00 53.22 ? 20  LYS A CD  1 
ATOM   166 C  CE  . LYS A 1 21 ? -4.323  6.716   -3.336  1.00 51.54 ? 20  LYS A CE  1 
ATOM   167 N  NZ  . LYS A 1 21 ? -4.295  7.261   -4.716  1.00 54.72 ? 20  LYS A NZ  1 
ATOM   168 N  N   . GLU A 1 22 ? -8.074  5.641   1.428   1.00 41.18 ? 21  GLU A N   1 
ATOM   169 C  CA  . GLU A 1 22 ? -9.485  5.492   1.773   1.00 41.64 ? 21  GLU A CA  1 
ATOM   170 C  C   . GLU A 1 22 ? -9.800  6.188   3.091   1.00 42.61 ? 21  GLU A C   1 
ATOM   171 O  O   . GLU A 1 22 ? -10.811 6.891   3.215   1.00 46.68 ? 21  GLU A O   1 
ATOM   172 C  CB  . GLU A 1 22 ? -9.857  4.012   1.856   1.00 40.03 ? 21  GLU A CB  1 
ATOM   173 C  CG  . GLU A 1 22 ? -9.843  3.278   0.529   1.00 45.70 ? 21  GLU A CG  1 
ATOM   174 C  CD  . GLU A 1 22 ? -10.126 1.804   0.705   1.00 50.76 ? 21  GLU A CD  1 
ATOM   175 O  OE1 . GLU A 1 22 ? -10.303 1.096   -0.299  1.00 51.21 ? 21  GLU A OE1 1 
ATOM   176 O  OE2 . GLU A 1 22 ? -10.165 1.363   1.863   1.00 56.22 ? 21  GLU A OE2 1 
ATOM   177 N  N   . ALA A 1 23 ? -8.950  5.979   4.099   1.00 39.03 ? 22  ALA A N   1 
ATOM   178 C  CA  . ALA A 1 23 ? -9.191  6.575   5.406   1.00 42.18 ? 22  ALA A CA  1 
ATOM   179 C  C   . ALA A 1 23 ? -9.166  8.097   5.321   1.00 46.11 ? 22  ALA A C   1 
ATOM   180 O  O   . ALA A 1 23 ? -10.027 8.777   5.889   1.00 47.62 ? 22  ALA A O   1 
ATOM   181 C  CB  . ALA A 1 23 ? -8.162  6.061   6.413   1.00 37.00 ? 22  ALA A CB  1 
ATOM   182 N  N   . ILE A 1 24 ? -8.188  8.644   4.596   1.00 47.44 ? 23  ILE A N   1 
ATOM   183 C  CA  . ILE A 1 24 ? -8.096  10.093  4.434   1.00 41.85 ? 23  ILE A CA  1 
ATOM   184 C  C   . ILE A 1 24 ? -9.265  10.613  3.609   1.00 48.54 ? 23  ILE A C   1 
ATOM   185 O  O   . ILE A 1 24 ? -9.791  11.703  3.869   1.00 45.95 ? 23  ILE A O   1 
ATOM   186 C  CB  . ILE A 1 24 ? -6.741  10.464  3.807   1.00 37.74 ? 23  ILE A CB  1 
ATOM   187 C  CG1 . ILE A 1 24 ? -5.621  10.201  4.813   1.00 42.88 ? 23  ILE A CG1 1 
ATOM   188 C  CG2 . ILE A 1 24 ? -6.731  11.923  3.350   1.00 43.37 ? 23  ILE A CG2 1 
ATOM   189 C  CD1 . ILE A 1 24 ? -4.238  10.303  4.224   1.00 45.62 ? 23  ILE A CD1 1 
ATOM   190 N  N   . ALA A 1 25 ? -9.710  9.834   2.620   1.00 48.15 ? 24  ALA A N   1 
ATOM   191 C  CA  . ALA A 1 25 ? -10.850 10.254  1.808   1.00 45.90 ? 24  ALA A CA  1 
ATOM   192 C  C   . ALA A 1 25 ? -12.125 10.326  2.640   1.00 49.98 ? 24  ALA A C   1 
ATOM   193 O  O   . ALA A 1 25 ? -12.934 11.248  2.471   1.00 52.84 ? 24  ALA A O   1 
ATOM   194 C  CB  . ALA A 1 25 ? -11.036 9.308   0.622   1.00 42.26 ? 24  ALA A CB  1 
ATOM   195 N  N   . ALA A 1 26 ? -12.330 9.359   3.540   1.00 49.53 ? 25  ALA A N   1 
ATOM   196 C  CA  . ALA A 1 26 ? -13.514 9.387   4.392   1.00 49.55 ? 25  ALA A CA  1 
ATOM   197 C  C   . ALA A 1 26 ? -13.519 10.622  5.282   1.00 52.80 ? 25  ALA A C   1 
ATOM   198 O  O   . ALA A 1 26 ? -14.565 11.252  5.479   1.00 55.91 ? 25  ALA A O   1 
ATOM   199 C  CB  . ALA A 1 26 ? -13.592 8.118   5.239   1.00 53.23 ? 25  ALA A CB  1 
ATOM   200 N  N   . ILE A 1 27 ? -12.356 10.980  5.827   1.00 55.02 ? 26  ILE A N   1 
ATOM   201 C  CA  . ILE A 1 27 ? -12.249 12.186  6.638   1.00 57.26 ? 26  ILE A CA  1 
ATOM   202 C  C   . ILE A 1 27 ? -12.543 13.423  5.805   1.00 58.84 ? 26  ILE A C   1 
ATOM   203 O  O   . ILE A 1 27 ? -13.180 14.371  6.285   1.00 59.75 ? 26  ILE A O   1 
ATOM   204 C  CB  . ILE A 1 27 ? -10.857 12.237  7.293   1.00 58.76 ? 26  ILE A CB  1 
ATOM   205 C  CG1 . ILE A 1 27 ? -10.799 11.234  8.449   1.00 49.12 ? 26  ILE A CG1 1 
ATOM   206 C  CG2 . ILE A 1 27 ? -10.515 13.651  7.751   1.00 59.83 ? 26  ILE A CG2 1 
ATOM   207 C  CD1 . ILE A 1 27 ? -9.401  10.854  8.872   1.00 53.00 ? 26  ILE A CD1 1 
ATOM   208 N  N   . LYS A 1 28 ? -12.123 13.434  4.541   1.00 53.05 ? 27  LYS A N   1 
ATOM   209 C  CA  . LYS A 1 28 ? -12.345 14.576  3.660   1.00 61.96 ? 27  LYS A CA  1 
ATOM   210 C  C   . LYS A 1 28 ? -13.592 14.393  2.796   1.00 63.58 ? 27  LYS A C   1 
ATOM   211 O  O   . LYS A 1 28 ? -13.631 14.837  1.648   1.00 57.59 ? 27  LYS A O   1 
ATOM   212 C  CB  . LYS A 1 28 ? -11.121 14.807  2.769   1.00 56.12 ? 27  LYS A CB  1 
HETATM 213 CU CU  . CU  B 2 .  ? -1.789  -10.154 -3.367  1.00 72.27 ? 100 CU  A CU  1 
HETATM 214 O  O   . HOH C 3 .  ? -9.754  -0.552  -2.199  1.00 57.80 ? 201 HOH A O   1 
HETATM 215 O  O   . HOH C 3 .  ? 4.857   -2.762  4.681   1.00 47.15 ? 202 HOH A O   1 
HETATM 216 O  O   . HOH C 3 .  ? 4.829   -11.706 -3.692  1.00 51.45 ? 203 HOH A O   1 
HETATM 217 O  O   . HOH C 3 .  ? 9.115   -9.951  0.970   1.00 40.80 ? 204 HOH A O   1 
HETATM 218 O  O   . HOH C 3 .  ? 6.612   -4.111  -8.874  1.00 46.46 ? 205 HOH A O   1 
HETATM 219 O  O   . HOH C 3 .  ? 15.300  -12.955 -7.695  1.00 60.14 ? 206 HOH A O   1 
# 
